data_5YJW
#
_entry.id   5YJW
#
_cell.length_a   116.670
_cell.length_b   128.456
_cell.length_c   86.711
_cell.angle_alpha   90.00
_cell.angle_beta   90.00
_cell.angle_gamma   90.00
#
_symmetry.space_group_name_H-M   'C 2 2 21'
#
loop_
_entity.id
_entity.type
_entity.pdbx_description
1 polymer 'Rotenone-insensitive NADH-ubiquinone oxidoreductase, mitochondrial'
2 non-polymer 'FLAVIN-ADENINE DINUCLEOTIDE'
3 non-polymer 'MAGNESIUM ION'
4 non-polymer 2-{2-[2-(2-{2-[2-(2-ETHOXY-ETHOXY)-ETHOXY]-ETHOXY}-ETHOXY)-ETHOXY]-ETHOXY}-ETHANOL
5 non-polymer 'HEXAETHYLENE GLYCOL'
6 non-polymer GLYCEROL
7 non-polymer 'TETRAETHYLENE GLYCOL'
8 non-polymer DI(HYDROXYETHYL)ETHER
9 non-polymer 'TRIETHYLENE GLYCOL'
10 non-polymer '2-(N-MORPHOLINO)-ETHANESULFONIC ACID'
11 non-polymer 'STIGMATELLIN A'
12 water water
#
_entity_poly.entity_id   1
_entity_poly.type   'polypeptide(L)'
_entity_poly.pdbx_seq_one_letter_code
;VENSGAGPTSFKTMKVIDPQHSDKPNVLILGSGWGAISFLKHIDTKKYNVSIISPRSYFLFTPLLPSAPVGTVDEKSIIE
PIVNFALKKKGNVTYYEAEATSINPDRNTVTIKSLSAVSQLYQPENHLGLHQAEPAEIKYDYLISAVGAEPNTFGIPGVT
DYGHFLKEIPNSLEIRRTFAANLEKANLLPKGDPERRRLLSIVVVGGGPTGVEAAGELQDYVHQDLRKFLPALAEEVQIH
LVEALPIVLNMFEKKLSSYAQSHLENTSIKVHLRTAVAKVEEKQLLAKTKHEDGKITEETIPYGTLIWATGNKARPVITD
LFKKIPEQNSSKRGLAVNDFLQVKGSNNIFAIGDNAFAGLPPTAQVAHQEAEYLAKNFDKMAQIPNFQKNLSSRKDKIDL
LFEENNFKPFKYNDLGALAYLGSERAIATIRSGKRTFYTGGGLMTFYLWRILYLSMILSARSRLKVFFDWIKLAFFKRDF
FKGL
;
_entity_poly.pdbx_strand_id   A
#
# COMPACT_ATOMS: atom_id res chain seq x y z
N SER A 4 11.29 -23.48 14.86
N SER A 4 11.30 -23.42 14.84
CA SER A 4 10.90 -22.24 15.58
CA SER A 4 10.88 -22.14 15.45
C SER A 4 9.39 -22.20 15.80
C SER A 4 9.39 -22.20 15.80
N GLY A 5 8.90 -21.15 16.45
CA GLY A 5 7.48 -20.96 16.72
C GLY A 5 6.81 -20.07 15.69
N ALA A 6 7.00 -20.40 14.41
CA ALA A 6 6.36 -19.67 13.30
C ALA A 6 5.02 -20.33 12.97
N GLY A 7 4.20 -19.61 12.21
CA GLY A 7 2.85 -20.05 11.89
C GLY A 7 2.76 -21.20 10.91
N PRO A 8 1.55 -21.75 10.72
CA PRO A 8 1.34 -22.97 9.94
C PRO A 8 1.50 -22.84 8.42
N THR A 9 1.59 -21.63 7.88
CA THR A 9 1.88 -21.44 6.46
C THR A 9 3.38 -21.33 6.15
N SER A 10 4.22 -21.48 7.19
CA SER A 10 5.67 -21.49 7.03
C SER A 10 6.11 -22.64 6.12
N PHE A 11 7.23 -22.45 5.44
CA PHE A 11 7.76 -23.49 4.56
C PHE A 11 9.25 -23.35 4.30
N LYS A 12 9.84 -24.45 3.83
CA LYS A 12 11.12 -24.39 3.15
C LYS A 12 10.99 -25.17 1.85
N THR A 13 11.26 -24.52 0.72
CA THR A 13 11.21 -25.18 -0.58
C THR A 13 12.44 -26.06 -0.73
N MET A 14 12.33 -27.05 -1.60
CA MET A 14 13.29 -28.15 -1.68
C MET A 14 13.56 -28.44 -3.15
N LYS A 15 14.15 -27.45 -3.82
CA LYS A 15 14.64 -27.58 -5.20
C LYS A 15 15.96 -28.33 -5.23
N VAL A 16 16.79 -28.10 -4.22
CA VAL A 16 18.09 -28.76 -4.07
C VAL A 16 18.21 -29.33 -2.67
N ILE A 17 19.30 -30.08 -2.44
CA ILE A 17 19.60 -30.65 -1.14
C ILE A 17 20.62 -29.72 -0.48
N ASP A 18 20.20 -28.98 0.55
N ASP A 18 20.20 -29.00 0.55
CA ASP A 18 21.05 -28.03 1.24
CA ASP A 18 21.05 -28.03 1.24
C ASP A 18 22.14 -28.73 2.08
C ASP A 18 22.14 -28.73 2.09
N PRO A 19 23.43 -28.42 1.84
CA PRO A 19 24.54 -29.00 2.63
C PRO A 19 24.46 -28.79 4.14
N SER A 22 26.64 -24.28 5.75
CA SER A 22 26.69 -23.81 4.37
C SER A 22 27.74 -22.73 4.16
N ASP A 23 28.14 -22.57 2.91
CA ASP A 23 29.16 -21.60 2.48
C ASP A 23 28.56 -20.21 2.21
N LYS A 24 27.27 -20.17 1.89
CA LYS A 24 26.64 -18.97 1.34
C LYS A 24 26.14 -18.06 2.46
N PRO A 25 26.21 -16.73 2.25
CA PRO A 25 25.62 -15.85 3.28
C PRO A 25 24.12 -16.05 3.41
N ASN A 26 23.64 -15.94 4.65
CA ASN A 26 22.23 -16.03 4.96
C ASN A 26 21.60 -14.66 4.78
N VAL A 27 20.72 -14.56 3.79
CA VAL A 27 20.01 -13.30 3.48
C VAL A 27 18.60 -13.43 4.01
N LEU A 28 18.23 -12.55 4.94
CA LEU A 28 16.93 -12.58 5.60
C LEU A 28 16.14 -11.36 5.16
N ILE A 29 14.95 -11.60 4.60
CA ILE A 29 14.07 -10.55 4.11
C ILE A 29 12.92 -10.40 5.10
N LEU A 30 12.64 -9.16 5.52
CA LEU A 30 11.46 -8.88 6.35
C LEU A 30 10.36 -8.30 5.48
N GLY A 31 9.20 -8.96 5.47
CA GLY A 31 8.06 -8.53 4.67
C GLY A 31 7.72 -9.46 3.53
N SER A 32 6.51 -9.28 2.99
CA SER A 32 6.03 -10.01 1.80
C SER A 32 5.19 -9.09 0.89
N GLY A 33 5.66 -7.86 0.74
CA GLY A 33 5.02 -6.83 -0.06
C GLY A 33 5.87 -6.43 -1.24
N TRP A 34 5.69 -5.19 -1.69
CA TRP A 34 6.37 -4.70 -2.90
C TRP A 34 7.90 -4.85 -2.85
N GLY A 35 8.52 -4.42 -1.76
CA GLY A 35 9.97 -4.50 -1.63
C GLY A 35 10.48 -5.93 -1.53
N ALA A 36 9.88 -6.69 -0.62
CA ALA A 36 10.31 -8.04 -0.31
C ALA A 36 10.14 -8.99 -1.49
N ILE A 37 8.98 -8.91 -2.16
CA ILE A 37 8.67 -9.84 -3.25
C ILE A 37 9.40 -9.45 -4.53
N SER A 38 9.52 -8.13 -4.80
CA SER A 38 10.33 -7.68 -5.92
C SER A 38 11.79 -8.10 -5.74
N PHE A 39 12.30 -8.01 -4.50
CA PHE A 39 13.64 -8.46 -4.18
C PHE A 39 13.76 -9.97 -4.36
N LEU A 40 12.80 -10.71 -3.81
CA LEU A 40 12.75 -12.17 -3.99
C LEU A 40 12.77 -12.58 -5.47
N LYS A 41 12.02 -11.87 -6.31
CA LYS A 41 11.98 -12.19 -7.75
C LYS A 41 13.36 -12.08 -8.41
N HIS A 42 14.19 -11.15 -7.95
CA HIS A 42 15.49 -10.87 -8.57
C HIS A 42 16.71 -11.46 -7.86
N ILE A 43 16.58 -11.82 -6.57
CA ILE A 43 17.73 -12.35 -5.80
C ILE A 43 18.11 -13.75 -6.31
N ASP A 44 19.42 -13.99 -6.39
CA ASP A 44 19.93 -15.30 -6.78
C ASP A 44 19.98 -16.22 -5.55
N THR A 45 19.05 -17.17 -5.51
CA THR A 45 18.91 -18.10 -4.38
C THR A 45 19.94 -19.24 -4.40
N LYS A 46 20.78 -19.32 -5.43
CA LYS A 46 21.95 -20.20 -5.42
C LYS A 46 23.20 -19.52 -4.87
N LYS A 47 23.30 -18.20 -5.00
CA LYS A 47 24.39 -17.43 -4.39
C LYS A 47 24.18 -17.22 -2.89
N TYR A 48 22.91 -17.20 -2.44
CA TYR A 48 22.56 -16.88 -1.06
C TYR A 48 21.50 -17.84 -0.52
N ASN A 49 21.54 -18.08 0.78
CA ASN A 49 20.47 -18.80 1.46
C ASN A 49 19.41 -17.77 1.86
N VAL A 50 18.27 -17.82 1.20
CA VAL A 50 17.26 -16.76 1.30
C VAL A 50 16.13 -17.22 2.23
N SER A 51 15.87 -16.41 3.26
CA SER A 51 14.72 -16.60 4.15
C SER A 51 13.86 -15.34 4.18
N ILE A 52 12.58 -15.53 4.49
CA ILE A 52 11.59 -14.45 4.56
C ILE A 52 10.83 -14.56 5.88
N ILE A 53 10.68 -13.45 6.60
CA ILE A 53 9.81 -13.34 7.77
C ILE A 53 8.69 -12.36 7.44
N SER A 54 7.44 -12.83 7.50
CA SER A 54 6.28 -11.96 7.31
C SER A 54 5.04 -12.60 7.90
N PRO A 55 4.17 -11.79 8.55
CA PRO A 55 2.92 -12.36 9.05
C PRO A 55 1.89 -12.65 7.97
N ARG A 56 2.11 -12.16 6.75
CA ARG A 56 1.18 -12.29 5.64
C ARG A 56 1.77 -13.26 4.60
N SER A 57 1.08 -14.38 4.37
CA SER A 57 1.61 -15.45 3.51
C SER A 57 1.41 -15.23 2.00
N TYR A 58 1.03 -14.02 1.62
CA TYR A 58 0.77 -13.68 0.22
C TYR A 58 1.22 -12.24 -0.08
N PHE A 59 1.45 -11.99 -1.37
CA PHE A 59 1.69 -10.66 -1.89
C PHE A 59 0.35 -9.97 -2.17
N LEU A 60 0.27 -8.67 -1.89
CA LEU A 60 -0.91 -7.87 -2.19
C LEU A 60 -0.59 -6.83 -3.25
N PHE A 61 -1.32 -6.87 -4.37
CA PHE A 61 -1.21 -5.85 -5.40
C PHE A 61 -2.00 -4.62 -4.92
N THR A 62 -1.32 -3.81 -4.13
CA THR A 62 -1.95 -2.67 -3.44
C THR A 62 -2.67 -1.67 -4.35
N PRO A 63 -2.17 -1.41 -5.58
CA PRO A 63 -2.87 -0.39 -6.39
C PRO A 63 -4.32 -0.70 -6.75
N LEU A 64 -4.73 -1.96 -6.69
CA LEU A 64 -6.13 -2.36 -6.88
C LEU A 64 -6.90 -2.67 -5.59
N LEU A 65 -6.30 -2.47 -4.41
CA LEU A 65 -7.02 -2.67 -3.15
C LEU A 65 -8.26 -1.76 -3.03
N PRO A 66 -8.18 -0.48 -3.44
CA PRO A 66 -9.41 0.36 -3.38
C PRO A 66 -10.60 -0.14 -4.22
N SER A 67 -10.34 -0.95 -5.24
CA SER A 67 -11.38 -1.60 -6.06
C SER A 67 -12.05 -2.80 -5.38
N ALA A 68 -11.42 -3.38 -4.37
CA ALA A 68 -11.89 -4.62 -3.75
C ALA A 68 -13.13 -4.50 -2.86
N PRO A 69 -13.25 -3.43 -2.04
CA PRO A 69 -14.41 -3.38 -1.12
C PRO A 69 -15.76 -3.47 -1.83
N VAL A 70 -15.86 -2.86 -3.01
CA VAL A 70 -17.12 -2.84 -3.77
C VAL A 70 -17.23 -3.93 -4.84
N GLY A 71 -16.20 -4.78 -4.97
CA GLY A 71 -16.23 -5.89 -5.92
C GLY A 71 -15.97 -5.51 -7.37
N THR A 72 -15.30 -4.39 -7.60
CA THR A 72 -14.81 -4.06 -8.93
C THR A 72 -13.79 -5.14 -9.32
N VAL A 73 -12.93 -5.49 -8.37
CA VAL A 73 -12.17 -6.74 -8.40
C VAL A 73 -12.49 -7.51 -7.13
N ASP A 74 -12.24 -8.82 -7.17
CA ASP A 74 -12.40 -9.67 -5.99
C ASP A 74 -11.10 -9.66 -5.17
N GLU A 75 -11.21 -9.87 -3.87
CA GLU A 75 -10.04 -9.93 -2.99
C GLU A 75 -9.03 -11.00 -3.44
N LYS A 76 -9.53 -12.17 -3.85
CA LYS A 76 -8.64 -13.25 -4.32
C LYS A 76 -7.81 -12.86 -5.54
N SER A 77 -8.36 -11.97 -6.37
CA SER A 77 -7.75 -11.58 -7.63
C SER A 77 -6.47 -10.77 -7.48
N ILE A 78 -6.31 -10.06 -6.37
CA ILE A 78 -5.19 -9.13 -6.19
C ILE A 78 -4.15 -9.64 -5.20
N ILE A 79 -4.28 -10.90 -4.79
CA ILE A 79 -3.30 -11.54 -3.92
C ILE A 79 -2.67 -12.75 -4.61
N GLU A 80 -1.45 -13.08 -4.19
CA GLU A 80 -0.74 -14.25 -4.70
C GLU A 80 0.11 -14.83 -3.56
N PRO A 81 -0.12 -16.11 -3.19
CA PRO A 81 0.69 -16.74 -2.14
C PRO A 81 2.19 -16.67 -2.40
N ILE A 82 2.96 -16.38 -1.36
CA ILE A 82 4.43 -16.25 -1.43
C ILE A 82 5.05 -17.52 -2.00
N VAL A 83 4.53 -18.67 -1.60
CA VAL A 83 5.08 -19.96 -2.04
C VAL A 83 5.19 -20.07 -3.56
N ASN A 84 4.25 -19.46 -4.28
CA ASN A 84 4.27 -19.47 -5.74
C ASN A 84 5.43 -18.68 -6.34
N PHE A 85 5.78 -17.56 -5.72
CA PHE A 85 7.01 -16.83 -6.11
C PHE A 85 8.24 -17.65 -5.75
N ALA A 86 8.24 -18.24 -4.54
CA ALA A 86 9.37 -19.03 -4.05
C ALA A 86 9.68 -20.23 -4.94
N LEU A 87 8.63 -20.91 -5.42
CA LEU A 87 8.78 -22.07 -6.31
C LEU A 87 9.31 -21.75 -7.72
N LYS A 88 9.33 -20.47 -8.11
CA LYS A 88 9.99 -20.05 -9.34
C LYS A 88 11.52 -19.94 -9.20
N LYS A 89 12.02 -19.96 -7.97
CA LYS A 89 13.45 -19.77 -7.71
C LYS A 89 14.22 -21.08 -7.89
N LYS A 90 15.50 -20.98 -8.24
CA LYS A 90 16.32 -22.17 -8.49
C LYS A 90 16.82 -22.81 -7.20
N GLY A 91 17.11 -21.99 -6.18
CA GLY A 91 17.54 -22.48 -4.87
C GLY A 91 16.36 -22.64 -3.93
N ASN A 92 16.67 -23.00 -2.69
CA ASN A 92 15.66 -23.18 -1.66
C ASN A 92 15.29 -21.85 -1.00
N VAL A 93 14.03 -21.68 -0.63
CA VAL A 93 13.57 -20.46 0.03
C VAL A 93 12.85 -20.87 1.31
N THR A 94 13.15 -20.20 2.41
CA THR A 94 12.50 -20.45 3.69
C THR A 94 11.58 -19.28 4.01
N TYR A 95 10.35 -19.59 4.42
CA TYR A 95 9.38 -18.58 4.84
C TYR A 95 8.90 -18.88 6.24
N TYR A 96 9.05 -17.90 7.15
CA TYR A 96 8.49 -17.97 8.49
C TYR A 96 7.27 -17.08 8.56
N GLU A 97 6.11 -17.69 8.82
CA GLU A 97 4.89 -16.93 9.05
C GLU A 97 4.96 -16.36 10.47
N ALA A 98 5.48 -15.15 10.56
CA ALA A 98 5.65 -14.48 11.85
C ALA A 98 5.94 -13.01 11.60
N GLU A 99 5.81 -12.20 12.65
CA GLU A 99 6.24 -10.81 12.56
C GLU A 99 7.57 -10.64 13.28
N ALA A 100 8.47 -9.87 12.68
CA ALA A 100 9.69 -9.43 13.35
C ALA A 100 9.29 -8.49 14.48
N THR A 101 9.66 -8.83 15.70
CA THR A 101 9.37 -7.99 16.87
C THR A 101 10.58 -7.19 17.35
N SER A 102 11.79 -7.68 17.06
CA SER A 102 13.01 -6.97 17.39
C SER A 102 14.13 -7.33 16.42
N ILE A 103 14.73 -6.31 15.81
CA ILE A 103 15.92 -6.47 15.01
C ILE A 103 17.11 -6.23 15.95
N ASN A 104 18.01 -7.20 16.02
CA ASN A 104 19.09 -7.21 17.03
C ASN A 104 20.43 -7.08 16.34
N PRO A 105 20.82 -5.84 15.98
CA PRO A 105 22.01 -5.67 15.14
C PRO A 105 23.34 -6.16 15.74
N ASP A 106 23.43 -6.08 17.08
N ASP A 106 23.49 -6.12 17.07
CA ASP A 106 24.57 -6.54 17.87
CA ASP A 106 24.76 -6.55 17.67
C ASP A 106 24.92 -8.01 17.65
C ASP A 106 24.94 -8.07 17.85
N ARG A 107 23.89 -8.86 17.57
CA ARG A 107 24.05 -10.32 17.44
C ARG A 107 23.52 -10.88 16.13
N ASN A 108 23.18 -9.99 15.18
CA ASN A 108 22.76 -10.36 13.84
C ASN A 108 21.61 -11.37 13.81
N THR A 109 20.57 -11.07 14.60
CA THR A 109 19.34 -11.86 14.61
C THR A 109 18.11 -10.97 14.59
N VAL A 110 16.99 -11.60 14.24
CA VAL A 110 15.67 -10.98 14.32
C VAL A 110 14.81 -11.86 15.21
N THR A 111 14.25 -11.25 16.26
CA THR A 111 13.29 -11.93 17.13
C THR A 111 11.93 -11.92 16.46
N ILE A 112 11.27 -13.08 16.44
CA ILE A 112 9.97 -13.24 15.82
C ILE A 112 8.92 -13.71 16.82
N LYS A 113 7.69 -13.32 16.57
CA LYS A 113 6.54 -13.89 17.27
C LYS A 113 5.47 -14.20 16.24
N SER A 114 4.76 -15.30 16.46
CA SER A 114 3.63 -15.63 15.59
C SER A 114 2.30 -15.52 16.33
N LEU A 115 1.51 -14.60 15.81
CA LEU A 115 0.05 -14.59 15.88
C LEU A 115 -0.55 -16.01 15.96
N SER A 116 -0.12 -16.89 15.05
CA SER A 116 -0.62 -18.28 14.95
C SER A 116 0.47 -19.33 15.25
N ALA A 117 1.26 -19.11 16.30
CA ALA A 117 2.39 -19.99 16.64
C ALA A 117 1.98 -21.45 16.86
N ALA A 136 11.80 -17.29 19.49
CA ALA A 136 12.88 -17.69 18.59
C ALA A 136 13.57 -16.50 17.94
N GLU A 137 14.86 -16.67 17.64
CA GLU A 137 15.66 -15.66 16.95
C GLU A 137 16.24 -16.25 15.67
N ILE A 138 16.03 -15.55 14.55
CA ILE A 138 16.47 -15.98 13.23
C ILE A 138 17.74 -15.24 12.87
N LYS A 139 18.82 -15.99 12.62
CA LYS A 139 20.13 -15.43 12.33
C LYS A 139 20.22 -14.94 10.90
N TYR A 140 21.03 -13.91 10.66
CA TYR A 140 21.30 -13.43 9.31
C TYR A 140 22.75 -12.99 9.16
N ASP A 141 23.23 -13.02 7.93
CA ASP A 141 24.46 -12.35 7.54
C ASP A 141 24.14 -11.00 6.88
N TYR A 142 23.07 -10.97 6.07
CA TYR A 142 22.51 -9.73 5.54
C TYR A 142 21.01 -9.68 5.83
N LEU A 143 20.53 -8.51 6.26
CA LEU A 143 19.11 -8.28 6.52
C LEU A 143 18.57 -7.27 5.51
N ILE A 144 17.44 -7.61 4.90
CA ILE A 144 16.74 -6.72 3.96
C ILE A 144 15.40 -6.37 4.61
N SER A 145 15.30 -5.19 5.21
CA SER A 145 14.06 -4.80 5.89
C SER A 145 13.07 -4.17 4.91
N ALA A 146 11.90 -4.78 4.77
CA ALA A 146 10.85 -4.26 3.90
C ALA A 146 9.46 -4.50 4.51
N VAL A 147 9.32 -4.11 5.78
CA VAL A 147 8.06 -4.29 6.53
C VAL A 147 7.01 -3.22 6.24
N GLY A 148 7.39 -2.21 5.46
CA GLY A 148 6.47 -1.15 5.06
C GLY A 148 6.22 -0.20 6.22
N ALA A 149 5.09 0.50 6.15
CA ALA A 149 4.69 1.47 7.15
C ALA A 149 3.23 1.21 7.47
N GLU A 150 2.76 1.78 8.57
CA GLU A 150 1.36 1.66 8.96
C GLU A 150 0.63 2.98 8.75
N PRO A 151 -0.71 2.95 8.67
CA PRO A 151 -1.47 4.20 8.57
C PRO A 151 -1.21 5.10 9.78
N ASN A 152 -1.14 6.41 9.55
CA ASN A 152 -0.89 7.38 10.59
C ASN A 152 -2.19 8.09 10.93
N THR A 153 -2.61 8.00 12.18
CA THR A 153 -3.80 8.69 12.69
C THR A 153 -3.46 10.09 13.23
N PHE A 154 -2.17 10.39 13.36
CA PHE A 154 -1.67 11.66 13.88
C PHE A 154 -2.18 11.97 15.29
N GLY A 155 -2.43 10.92 16.09
CA GLY A 155 -3.01 11.06 17.42
C GLY A 155 -4.42 11.63 17.50
N ILE A 156 -5.12 11.68 16.37
CA ILE A 156 -6.45 12.28 16.32
C ILE A 156 -7.40 11.32 17.03
N PRO A 157 -8.13 11.82 18.05
CA PRO A 157 -8.97 10.88 18.80
C PRO A 157 -10.08 10.24 17.97
N GLY A 158 -10.33 8.96 18.24
CA GLY A 158 -11.43 8.22 17.66
C GLY A 158 -11.19 7.52 16.32
N VAL A 159 -10.04 7.77 15.69
CA VAL A 159 -9.77 7.20 14.36
C VAL A 159 -9.72 5.67 14.44
N THR A 160 -8.97 5.13 15.39
CA THR A 160 -8.87 3.66 15.56
C THR A 160 -10.12 3.02 16.15
N ASP A 161 -10.91 3.77 16.92
CA ASP A 161 -12.18 3.27 17.46
C ASP A 161 -13.26 3.12 16.40
N TYR A 162 -13.36 4.10 15.50
CA TYR A 162 -14.51 4.22 14.60
C TYR A 162 -14.18 4.18 13.11
N GLY A 163 -12.92 4.37 12.73
CA GLY A 163 -12.52 4.41 11.32
C GLY A 163 -12.03 3.08 10.79
N HIS A 164 -11.99 2.98 9.47
CA HIS A 164 -11.40 1.82 8.79
C HIS A 164 -10.20 2.30 8.02
N PHE A 165 -9.08 1.61 8.18
CA PHE A 165 -7.94 1.80 7.29
C PHE A 165 -8.21 1.10 5.95
N LEU A 166 -7.41 1.41 4.96
CA LEU A 166 -7.49 0.75 3.65
C LEU A 166 -6.07 0.40 3.21
N LYS A 167 -5.61 -0.73 3.73
CA LYS A 167 -4.20 -1.11 3.76
C LYS A 167 -3.99 -2.60 3.45
N GLU A 168 -4.88 -3.45 3.97
CA GLU A 168 -4.75 -4.89 3.87
C GLU A 168 -6.10 -5.48 3.48
N ILE A 169 -6.10 -6.72 3.02
CA ILE A 169 -7.32 -7.42 2.59
C ILE A 169 -8.42 -7.42 3.65
N PRO A 170 -8.10 -7.69 4.93
CA PRO A 170 -9.17 -7.63 5.93
C PRO A 170 -9.89 -6.29 6.00
N ASN A 171 -9.18 -5.19 5.74
CA ASN A 171 -9.82 -3.87 5.69
C ASN A 171 -10.87 -3.76 4.58
N SER A 172 -10.60 -4.36 3.42
CA SER A 172 -11.57 -4.41 2.32
C SER A 172 -12.86 -5.10 2.75
N LEU A 173 -12.71 -6.24 3.44
CA LEU A 173 -13.84 -7.01 3.93
C LEU A 173 -14.62 -6.22 4.99
N GLU A 174 -13.89 -5.57 5.90
CA GLU A 174 -14.49 -4.75 6.96
C GLU A 174 -15.30 -3.57 6.39
N ILE A 175 -14.76 -2.90 5.38
CA ILE A 175 -15.44 -1.76 4.75
C ILE A 175 -16.75 -2.21 4.07
N ARG A 176 -16.69 -3.31 3.33
CA ARG A 176 -17.89 -3.88 2.73
C ARG A 176 -18.94 -4.26 3.78
N ARG A 177 -18.50 -4.91 4.85
CA ARG A 177 -19.42 -5.28 5.94
C ARG A 177 -20.09 -4.07 6.58
N THR A 178 -19.29 -3.04 6.82
CA THR A 178 -19.80 -1.80 7.42
C THR A 178 -20.78 -1.08 6.50
N PHE A 179 -20.40 -0.86 5.25
CA PHE A 179 -21.28 -0.14 4.33
C PHE A 179 -22.55 -0.94 4.01
N ALA A 180 -22.41 -2.25 3.81
CA ALA A 180 -23.58 -3.11 3.60
C ALA A 180 -24.55 -3.03 4.78
N ALA A 181 -24.02 -3.13 6.00
CA ALA A 181 -24.85 -3.03 7.21
C ALA A 181 -25.55 -1.67 7.32
N ASN A 182 -24.82 -0.59 6.99
CA ASN A 182 -25.40 0.77 6.99
C ASN A 182 -26.53 0.96 5.97
N LEU A 183 -26.33 0.44 4.76
CA LEU A 183 -27.36 0.45 3.72
C LEU A 183 -28.61 -0.31 4.19
N GLU A 184 -28.41 -1.46 4.80
CA GLU A 184 -29.49 -2.27 5.38
C GLU A 184 -30.28 -1.52 6.44
N LYS A 185 -29.57 -0.84 7.35
CA LYS A 185 -30.23 -0.07 8.42
C LYS A 185 -30.94 1.16 7.86
N ALA A 186 -30.27 1.91 6.99
CA ALA A 186 -30.86 3.09 6.34
C ALA A 186 -32.16 2.75 5.59
N ASN A 187 -32.18 1.59 4.95
CA ASN A 187 -33.35 1.13 4.19
C ASN A 187 -34.61 0.90 5.04
N LEU A 188 -34.46 0.75 6.35
CA LEU A 188 -35.61 0.57 7.27
C LEU A 188 -36.18 1.89 7.79
N LEU A 189 -35.50 3.00 7.53
CA LEU A 189 -35.91 4.32 8.00
C LEU A 189 -36.62 5.11 6.89
N PRO A 190 -37.56 6.01 7.27
CA PRO A 190 -38.25 6.81 6.25
C PRO A 190 -37.35 7.84 5.56
N LYS A 191 -37.74 8.20 4.33
CA LYS A 191 -36.95 9.03 3.40
C LYS A 191 -36.31 10.29 4.01
N GLY A 192 -37.03 10.96 4.91
CA GLY A 192 -36.55 12.21 5.53
C GLY A 192 -35.82 12.10 6.87
N ASP A 193 -35.56 10.88 7.34
CA ASP A 193 -34.95 10.66 8.65
C ASP A 193 -33.47 11.09 8.60
N PRO A 194 -33.02 11.96 9.52
CA PRO A 194 -31.59 12.33 9.52
C PRO A 194 -30.64 11.17 9.86
N GLU A 195 -31.12 10.16 10.58
CA GLU A 195 -30.34 8.94 10.82
C GLU A 195 -30.12 8.15 9.52
N ARG A 196 -31.13 8.12 8.66
CA ARG A 196 -31.01 7.51 7.34
C ARG A 196 -29.91 8.21 6.53
N ARG A 197 -29.96 9.54 6.49
N ARG A 197 -29.96 9.54 6.49
CA ARG A 197 -28.95 10.35 5.79
CA ARG A 197 -28.95 10.34 5.80
C ARG A 197 -27.53 10.10 6.34
C ARG A 197 -27.53 10.09 6.34
N ARG A 198 -27.41 10.06 7.67
CA ARG A 198 -26.12 9.78 8.31
C ARG A 198 -25.55 8.40 7.95
N LEU A 199 -26.39 7.38 8.04
CA LEU A 199 -25.98 6.02 7.69
C LEU A 199 -25.51 5.88 6.24
N LEU A 200 -26.06 6.71 5.35
CA LEU A 200 -25.67 6.73 3.94
C LEU A 200 -24.54 7.71 3.62
N SER A 201 -23.91 8.29 4.64
CA SER A 201 -22.80 9.21 4.46
C SER A 201 -21.47 8.45 4.61
N ILE A 202 -20.59 8.61 3.62
CA ILE A 202 -19.24 8.04 3.66
C ILE A 202 -18.25 9.20 3.72
N VAL A 203 -17.26 9.10 4.60
CA VAL A 203 -16.17 10.06 4.62
C VAL A 203 -14.85 9.34 4.37
N VAL A 204 -14.13 9.77 3.34
CA VAL A 204 -12.79 9.27 3.04
C VAL A 204 -11.79 10.38 3.37
N VAL A 205 -10.82 10.08 4.23
CA VAL A 205 -9.80 11.04 4.61
C VAL A 205 -8.52 10.67 3.88
N GLY A 206 -8.02 11.61 3.08
CA GLY A 206 -6.80 11.44 2.30
C GLY A 206 -7.06 11.70 0.84
N GLY A 207 -6.37 12.69 0.27
CA GLY A 207 -6.56 13.10 -1.12
C GLY A 207 -5.49 12.60 -2.05
N GLY A 208 -4.71 11.60 -1.61
CA GLY A 208 -3.79 10.89 -2.48
C GLY A 208 -4.53 9.86 -3.30
N PRO A 209 -3.82 9.07 -4.12
CA PRO A 209 -4.45 8.04 -4.95
C PRO A 209 -5.35 7.06 -4.20
N THR A 210 -4.92 6.57 -3.05
CA THR A 210 -5.73 5.62 -2.26
C THR A 210 -7.11 6.17 -1.88
N GLY A 211 -7.13 7.36 -1.28
CA GLY A 211 -8.38 7.99 -0.87
C GLY A 211 -9.26 8.39 -2.04
N VAL A 212 -8.64 8.97 -3.07
CA VAL A 212 -9.37 9.34 -4.30
C VAL A 212 -10.01 8.10 -4.95
N GLU A 213 -9.23 7.05 -5.09
CA GLU A 213 -9.71 5.80 -5.70
C GLU A 213 -10.75 5.10 -4.84
N ALA A 214 -10.57 5.13 -3.52
CA ALA A 214 -11.59 4.62 -2.61
C ALA A 214 -12.93 5.33 -2.81
N ALA A 215 -12.89 6.67 -2.86
CA ALA A 215 -14.08 7.50 -3.07
C ALA A 215 -14.73 7.21 -4.43
N GLY A 216 -13.92 7.19 -5.47
CA GLY A 216 -14.38 6.93 -6.83
C GLY A 216 -15.01 5.56 -7.02
N GLU A 217 -14.39 4.53 -6.41
CA GLU A 217 -14.92 3.16 -6.50
C GLU A 217 -16.25 3.05 -5.77
N LEU A 218 -16.34 3.65 -4.58
CA LEU A 218 -17.61 3.71 -3.85
C LEU A 218 -18.69 4.46 -4.62
N GLN A 219 -18.34 5.60 -5.23
N GLN A 219 -18.32 5.61 -5.22
CA GLN A 219 -19.29 6.34 -6.05
CA GLN A 219 -19.21 6.38 -6.12
C GLN A 219 -19.75 5.53 -7.28
C GLN A 219 -19.74 5.52 -7.26
N ASP A 220 -18.83 4.77 -7.88
CA ASP A 220 -19.17 3.85 -8.98
C ASP A 220 -20.18 2.78 -8.56
N TYR A 221 -19.91 2.14 -7.43
CA TYR A 221 -20.84 1.14 -6.91
C TYR A 221 -22.25 1.73 -6.70
N VAL A 222 -22.31 2.87 -6.03
CA VAL A 222 -23.57 3.51 -5.69
C VAL A 222 -24.34 3.94 -6.95
N HIS A 223 -23.65 4.60 -7.87
CA HIS A 223 -24.32 5.15 -9.06
C HIS A 223 -24.50 4.19 -10.22
N GLN A 224 -23.69 3.13 -10.31
CA GLN A 224 -23.84 2.16 -11.40
C GLN A 224 -24.67 0.94 -11.02
N ASP A 225 -24.49 0.43 -9.81
CA ASP A 225 -25.11 -0.82 -9.39
C ASP A 225 -26.25 -0.62 -8.40
N LEU A 226 -25.97 0.00 -7.25
CA LEU A 226 -26.97 0.18 -6.19
C LEU A 226 -28.22 0.90 -6.71
N ARG A 227 -27.99 1.95 -7.49
CA ARG A 227 -29.05 2.74 -8.15
C ARG A 227 -30.03 1.90 -8.98
N LYS A 228 -29.53 0.85 -9.62
CA LYS A 228 -30.37 -0.01 -10.45
C LYS A 228 -31.39 -0.85 -9.69
N PHE A 229 -31.15 -1.13 -8.41
CA PHE A 229 -32.12 -1.89 -7.60
C PHE A 229 -32.59 -1.20 -6.29
N LEU A 230 -31.84 -0.22 -5.77
CA LEU A 230 -32.28 0.57 -4.62
C LEU A 230 -32.07 2.08 -4.91
N PRO A 231 -32.79 2.61 -5.91
CA PRO A 231 -32.55 3.99 -6.37
C PRO A 231 -32.74 5.06 -5.29
N ALA A 232 -33.75 4.89 -4.43
CA ALA A 232 -34.03 5.85 -3.35
C ALA A 232 -32.89 5.92 -2.32
N LEU A 233 -32.35 4.77 -1.95
CA LEU A 233 -31.14 4.71 -1.12
C LEU A 233 -29.95 5.37 -1.80
N ALA A 234 -29.68 4.94 -3.03
CA ALA A 234 -28.53 5.41 -3.80
C ALA A 234 -28.48 6.92 -3.93
N GLU A 235 -29.62 7.54 -4.26
CA GLU A 235 -29.68 9.00 -4.42
C GLU A 235 -29.41 9.78 -3.12
N GLU A 236 -29.60 9.15 -1.96
CA GLU A 236 -29.34 9.78 -0.66
C GLU A 236 -27.93 9.54 -0.10
N VAL A 237 -27.13 8.70 -0.77
CA VAL A 237 -25.73 8.50 -0.37
C VAL A 237 -24.93 9.78 -0.63
N GLN A 238 -24.11 10.17 0.33
CA GLN A 238 -23.17 11.27 0.15
C GLN A 238 -21.75 10.81 0.47
N ILE A 239 -20.84 11.00 -0.47
CA ILE A 239 -19.44 10.65 -0.28
C ILE A 239 -18.66 11.95 -0.08
N HIS A 240 -17.90 12.00 1.01
CA HIS A 240 -17.03 13.13 1.33
C HIS A 240 -15.57 12.71 1.18
N LEU A 241 -14.76 13.57 0.56
CA LEU A 241 -13.32 13.39 0.48
C LEU A 241 -12.68 14.55 1.21
N VAL A 242 -11.89 14.26 2.24
CA VAL A 242 -11.29 15.26 3.11
C VAL A 242 -9.77 15.22 2.97
N GLU A 243 -9.17 16.38 2.69
CA GLU A 243 -7.72 16.47 2.48
C GLU A 243 -7.16 17.78 3.06
N ALA A 244 -6.07 17.68 3.80
CA ALA A 244 -5.45 18.82 4.49
C ALA A 244 -4.74 19.81 3.57
N LEU A 245 -4.16 19.31 2.49
CA LEU A 245 -3.51 20.17 1.49
C LEU A 245 -4.54 20.91 0.64
N PRO A 246 -4.12 21.97 -0.09
CA PRO A 246 -5.06 22.73 -0.93
C PRO A 246 -5.50 22.05 -2.22
N ILE A 247 -4.88 20.91 -2.56
CA ILE A 247 -5.22 20.17 -3.77
C ILE A 247 -5.21 18.68 -3.49
N VAL A 248 -5.95 17.93 -4.30
CA VAL A 248 -5.83 16.46 -4.32
C VAL A 248 -4.71 16.07 -5.28
N LEU A 249 -4.15 14.89 -5.06
CA LEU A 249 -3.20 14.27 -5.99
C LEU A 249 -2.03 15.21 -6.34
N ASN A 250 -1.39 15.74 -5.30
CA ASN A 250 -0.29 16.71 -5.47
C ASN A 250 1.01 16.19 -6.10
N MET A 251 1.10 14.89 -6.39
CA MET A 251 2.21 14.33 -7.18
C MET A 251 2.07 14.56 -8.68
N PHE A 252 0.89 14.96 -9.15
CA PHE A 252 0.66 15.28 -10.55
C PHE A 252 0.83 16.77 -10.80
N GLU A 253 1.00 17.14 -12.06
CA GLU A 253 1.00 18.55 -12.46
C GLU A 253 -0.35 19.20 -12.16
N LYS A 254 -0.32 20.51 -11.92
CA LYS A 254 -1.50 21.27 -11.48
C LYS A 254 -2.77 21.05 -12.31
N LYS A 255 -2.64 21.01 -13.63
CA LYS A 255 -3.81 20.86 -14.50
C LYS A 255 -4.51 19.50 -14.34
N LEU A 256 -3.72 18.46 -14.04
CA LEU A 256 -4.30 17.14 -13.76
C LEU A 256 -4.97 17.07 -12.39
N SER A 257 -4.37 17.71 -11.37
CA SER A 257 -4.99 17.81 -10.04
C SER A 257 -6.33 18.55 -10.10
N SER A 258 -6.37 19.64 -10.88
CA SER A 258 -7.57 20.44 -11.06
C SER A 258 -8.65 19.68 -11.82
N TYR A 259 -8.25 18.98 -12.88
CA TYR A 259 -9.14 18.10 -13.62
C TYR A 259 -9.74 17.01 -12.72
N ALA A 260 -8.89 16.40 -11.90
CA ALA A 260 -9.31 15.35 -10.97
C ALA A 260 -10.37 15.87 -10.00
N GLN A 261 -10.07 16.98 -9.33
CA GLN A 261 -11.01 17.59 -8.39
C GLN A 261 -12.35 17.95 -9.05
N SER A 262 -12.28 18.57 -10.23
N SER A 262 -12.27 18.58 -10.22
CA SER A 262 -13.48 18.92 -10.99
CA SER A 262 -13.44 18.92 -11.03
C SER A 262 -14.31 17.68 -11.31
C SER A 262 -14.30 17.68 -11.31
N HIS A 263 -13.64 16.61 -11.77
CA HIS A 263 -14.34 15.35 -12.06
C HIS A 263 -14.98 14.73 -10.82
N LEU A 264 -14.23 14.69 -9.73
CA LEU A 264 -14.76 14.15 -8.46
C LEU A 264 -16.02 14.90 -8.05
N GLU A 265 -15.94 16.23 -8.07
CA GLU A 265 -17.10 17.08 -7.77
C GLU A 265 -18.25 16.86 -8.75
N ASN A 266 -17.95 16.69 -10.03
CA ASN A 266 -18.98 16.38 -11.03
C ASN A 266 -19.72 15.06 -10.79
N THR A 267 -19.06 14.09 -10.16
CA THR A 267 -19.73 12.84 -9.75
C THR A 267 -20.44 12.89 -8.39
N SER A 268 -20.59 14.08 -7.80
N SER A 268 -20.56 14.10 -7.82
CA SER A 268 -21.32 14.31 -6.54
CA SER A 268 -21.25 14.42 -6.56
C SER A 268 -20.49 14.12 -5.26
C SER A 268 -20.51 14.01 -5.28
N ILE A 269 -19.20 13.80 -5.39
CA ILE A 269 -18.32 13.70 -4.22
C ILE A 269 -18.07 15.12 -3.71
N LYS A 270 -18.34 15.36 -2.43
CA LYS A 270 -18.03 16.64 -1.81
C LYS A 270 -16.58 16.63 -1.36
N VAL A 271 -15.77 17.49 -1.96
CA VAL A 271 -14.33 17.55 -1.70
C VAL A 271 -14.05 18.67 -0.70
N HIS A 272 -13.47 18.31 0.45
CA HIS A 272 -13.10 19.27 1.49
C HIS A 272 -11.59 19.42 1.51
N LEU A 273 -11.10 20.39 0.77
CA LEU A 273 -9.67 20.69 0.76
C LEU A 273 -9.34 21.66 1.88
N ARG A 274 -8.04 21.79 2.17
N ARG A 274 -8.05 21.79 2.18
CA ARG A 274 -7.54 22.61 3.28
CA ARG A 274 -7.54 22.62 3.28
C ARG A 274 -8.22 22.28 4.61
C ARG A 274 -8.22 22.27 4.61
N THR A 275 -8.55 20.99 4.79
CA THR A 275 -9.40 20.54 5.89
C THR A 275 -8.71 19.41 6.66
N ALA A 276 -8.67 19.54 7.98
CA ALA A 276 -8.16 18.51 8.87
C ALA A 276 -9.28 18.00 9.77
N VAL A 277 -9.25 16.70 10.07
CA VAL A 277 -10.15 16.08 11.01
C VAL A 277 -9.54 16.31 12.39
N ALA A 278 -10.28 17.00 13.25
CA ALA A 278 -9.83 17.32 14.60
C ALA A 278 -10.17 16.19 15.58
N LYS A 279 -11.30 15.54 15.37
CA LYS A 279 -11.70 14.37 16.15
C LYS A 279 -12.74 13.55 15.40
N VAL A 280 -12.82 12.27 15.73
CA VAL A 280 -13.83 11.38 15.17
C VAL A 280 -14.63 10.85 16.35
N GLU A 281 -15.92 11.11 16.36
CA GLU A 281 -16.82 10.53 17.34
C GLU A 281 -17.63 9.42 16.64
N GLU A 282 -18.53 8.77 17.37
CA GLU A 282 -19.20 7.56 16.85
C GLU A 282 -20.03 7.83 15.59
N LYS A 283 -20.82 8.90 15.62
CA LYS A 283 -21.79 9.19 14.57
C LYS A 283 -21.47 10.47 13.80
N GLN A 284 -20.38 11.14 14.16
CA GLN A 284 -20.00 12.39 13.50
C GLN A 284 -18.52 12.65 13.75
N LEU A 285 -17.93 13.47 12.89
CA LEU A 285 -16.54 13.91 13.08
C LEU A 285 -16.47 15.41 12.88
N LEU A 286 -15.45 16.03 13.48
CA LEU A 286 -15.26 17.47 13.41
C LEU A 286 -14.15 17.76 12.41
N ALA A 287 -14.50 18.51 11.36
CA ALA A 287 -13.56 18.89 10.30
C ALA A 287 -13.28 20.39 10.40
N LYS A 288 -12.00 20.76 10.45
CA LYS A 288 -11.56 22.15 10.56
C LYS A 288 -10.92 22.58 9.25
N THR A 289 -11.45 23.66 8.65
CA THR A 289 -10.97 24.14 7.37
C THR A 289 -10.27 25.49 7.54
N LYS A 290 -9.02 25.59 7.08
CA LYS A 290 -8.36 26.89 6.95
C LYS A 290 -8.58 27.36 5.52
N HIS A 291 -9.53 28.25 5.33
CA HIS A 291 -9.89 28.73 4.00
C HIS A 291 -8.78 29.57 3.39
N GLU A 292 -8.83 29.72 2.07
CA GLU A 292 -7.85 30.53 1.33
C GLU A 292 -7.77 31.98 1.84
N ASP A 293 -8.91 32.54 2.26
CA ASP A 293 -8.97 33.88 2.87
C ASP A 293 -8.45 33.99 4.32
N GLY A 294 -8.01 32.87 4.91
CA GLY A 294 -7.41 32.86 6.24
C GLY A 294 -8.35 32.51 7.38
N LYS A 295 -9.66 32.50 7.12
CA LYS A 295 -10.64 32.15 8.15
C LYS A 295 -10.60 30.66 8.42
N ILE A 296 -10.81 30.28 9.68
CA ILE A 296 -10.89 28.90 10.09
C ILE A 296 -12.34 28.65 10.49
N THR A 297 -12.97 27.67 9.83
CA THR A 297 -14.32 27.24 10.19
C THR A 297 -14.32 25.77 10.61
N GLU A 298 -15.34 25.39 11.36
CA GLU A 298 -15.55 24.02 11.81
C GLU A 298 -16.85 23.52 11.23
N GLU A 299 -16.87 22.25 10.84
CA GLU A 299 -18.09 21.58 10.44
C GLU A 299 -18.16 20.22 11.12
N THR A 300 -19.29 19.94 11.76
CA THR A 300 -19.57 18.59 12.26
C THR A 300 -20.19 17.83 11.10
N ILE A 301 -19.51 16.77 10.65
CA ILE A 301 -19.98 15.96 9.53
C ILE A 301 -20.51 14.62 10.07
N PRO A 302 -21.84 14.42 10.02
CA PRO A 302 -22.37 13.09 10.33
C PRO A 302 -21.85 12.08 9.33
N TYR A 303 -21.52 10.88 9.79
CA TYR A 303 -21.03 9.84 8.90
C TYR A 303 -21.48 8.46 9.37
N GLY A 304 -21.58 7.56 8.41
CA GLY A 304 -21.85 6.14 8.68
C GLY A 304 -20.62 5.28 8.47
N THR A 305 -19.82 5.59 7.46
CA THR A 305 -18.61 4.85 7.13
C THR A 305 -17.45 5.83 7.01
N LEU A 306 -16.40 5.60 7.80
CA LEU A 306 -15.16 6.39 7.74
C LEU A 306 -14.01 5.55 7.25
N ILE A 307 -13.40 5.97 6.14
CA ILE A 307 -12.20 5.33 5.60
C ILE A 307 -11.04 6.29 5.78
N TRP A 308 -10.01 5.85 6.50
CA TRP A 308 -8.87 6.68 6.83
C TRP A 308 -7.71 6.24 5.96
N ALA A 309 -7.42 7.03 4.92
CA ALA A 309 -6.51 6.64 3.85
C ALA A 309 -5.41 7.69 3.71
N THR A 310 -4.79 8.04 4.82
CA THR A 310 -3.72 9.00 4.78
C THR A 310 -2.63 8.67 5.78
N GLY A 311 -1.45 9.17 5.45
CA GLY A 311 -0.33 9.18 6.37
C GLY A 311 0.31 7.82 6.52
N ASN A 312 1.64 7.82 6.40
N ASN A 312 1.63 7.76 6.46
CA ASN A 312 2.52 6.70 6.73
CA ASN A 312 2.31 6.53 6.81
C ASN A 312 3.12 6.98 8.09
C ASN A 312 3.32 6.82 7.90
N LYS A 313 3.34 5.95 8.91
CA LYS A 313 4.25 6.08 10.05
C LYS A 313 4.99 4.79 10.26
N ALA A 314 6.18 4.92 10.85
CA ALA A 314 7.06 3.80 11.07
C ALA A 314 6.42 2.78 12.02
N ARG A 315 6.65 1.50 11.73
CA ARG A 315 6.13 0.43 12.58
C ARG A 315 6.98 0.30 13.85
N PRO A 316 6.42 -0.27 14.93
CA PRO A 316 7.16 -0.41 16.20
C PRO A 316 8.52 -1.11 16.11
N VAL A 317 8.62 -2.19 15.34
CA VAL A 317 9.90 -2.86 15.15
C VAL A 317 10.96 -1.93 14.52
N ILE A 318 10.52 -1.00 13.68
CA ILE A 318 11.41 -0.02 13.06
C ILE A 318 11.77 1.12 14.01
N THR A 319 10.79 1.70 14.70
CA THR A 319 11.09 2.75 15.70
C THR A 319 11.95 2.20 16.85
N ASP A 320 11.76 0.93 17.20
CA ASP A 320 12.64 0.24 18.14
C ASP A 320 14.09 0.22 17.64
N LEU A 321 14.29 -0.11 16.37
CA LEU A 321 15.63 -0.12 15.77
C LEU A 321 16.34 1.24 15.77
N PHE A 322 15.57 2.34 15.64
CA PHE A 322 16.13 3.71 15.71
C PHE A 322 16.99 3.94 16.95
N LYS A 323 16.56 3.38 18.08
CA LYS A 323 17.23 3.54 19.37
C LYS A 323 18.53 2.75 19.49
N LYS A 324 18.69 1.72 18.67
CA LYS A 324 19.83 0.81 18.74
C LYS A 324 20.98 1.18 17.81
N ILE A 325 20.73 2.03 16.83
CA ILE A 325 21.77 2.49 15.90
C ILE A 325 21.92 4.00 16.06
N PRO A 326 23.07 4.47 16.58
CA PRO A 326 23.28 5.91 16.81
C PRO A 326 22.89 6.79 15.63
N GLU A 327 23.28 6.39 14.42
CA GLU A 327 22.96 7.13 13.20
C GLU A 327 21.46 7.18 12.86
N GLN A 328 20.66 6.30 13.48
CA GLN A 328 19.20 6.31 13.34
C GLN A 328 18.45 6.96 14.52
N ASN A 329 19.17 7.43 15.54
CA ASN A 329 18.52 8.02 16.74
C ASN A 329 17.60 9.20 16.40
N SER A 330 17.98 9.98 15.38
CA SER A 330 17.18 11.12 14.93
C SER A 330 16.09 10.77 13.89
N SER A 331 16.05 9.52 13.42
CA SER A 331 15.07 9.09 12.42
C SER A 331 13.64 9.15 12.93
N LYS A 332 12.71 9.45 12.02
CA LYS A 332 11.30 9.64 12.33
C LYS A 332 10.44 8.84 11.36
N ARG A 333 10.51 9.18 10.07
CA ARG A 333 9.66 8.58 9.04
C ARG A 333 10.02 7.12 8.74
N GLY A 334 11.31 6.82 8.68
CA GLY A 334 11.79 5.48 8.42
C GLY A 334 13.29 5.41 8.59
N LEU A 335 13.86 4.23 8.32
CA LEU A 335 15.31 4.05 8.43
C LEU A 335 16.04 4.86 7.36
N ALA A 336 16.95 5.73 7.78
CA ALA A 336 17.74 6.51 6.83
C ALA A 336 18.74 5.58 6.15
N VAL A 337 18.69 5.56 4.81
CA VAL A 337 19.55 4.70 4.01
C VAL A 337 20.47 5.52 3.11
N ASN A 338 21.66 4.98 2.83
CA ASN A 338 22.63 5.65 1.97
C ASN A 338 22.38 5.32 0.49
N ASP A 339 23.30 5.75 -0.39
CA ASP A 339 23.17 5.52 -1.83
C ASP A 339 23.13 4.04 -2.26
N PHE A 340 23.64 3.14 -1.41
CA PHE A 340 23.59 1.69 -1.67
C PHE A 340 22.48 0.98 -0.90
N LEU A 341 21.55 1.77 -0.34
CA LEU A 341 20.39 1.27 0.42
C LEU A 341 20.74 0.56 1.73
N GLN A 342 21.97 0.78 2.22
CA GLN A 342 22.37 0.34 3.55
C GLN A 342 21.72 1.25 4.58
N VAL A 343 21.22 0.66 5.66
CA VAL A 343 20.77 1.44 6.81
C VAL A 343 22.00 2.13 7.41
N LYS A 344 21.94 3.45 7.50
CA LYS A 344 23.07 4.24 8.00
C LYS A 344 23.42 3.80 9.42
N GLY A 345 24.71 3.53 9.64
CA GLY A 345 25.19 2.97 10.90
C GLY A 345 25.28 1.45 10.97
N SER A 346 24.94 0.75 9.88
CA SER A 346 24.98 -0.72 9.83
C SER A 346 25.78 -1.20 8.62
N ASN A 347 26.67 -2.17 8.84
CA ASN A 347 27.41 -2.83 7.74
C ASN A 347 26.56 -3.82 6.94
N ASN A 348 25.51 -4.36 7.55
CA ASN A 348 24.81 -5.51 6.97
C ASN A 348 23.27 -5.50 6.98
N ILE A 349 22.66 -4.37 7.35
CA ILE A 349 21.21 -4.20 7.25
C ILE A 349 20.95 -3.22 6.12
N PHE A 350 20.08 -3.64 5.20
CA PHE A 350 19.57 -2.80 4.14
C PHE A 350 18.09 -2.59 4.36
N ALA A 351 17.55 -1.50 3.82
CA ALA A 351 16.12 -1.23 3.90
C ALA A 351 15.63 -0.64 2.60
N ILE A 352 14.46 -1.12 2.18
CA ILE A 352 13.80 -0.67 0.96
C ILE A 352 12.31 -0.45 1.22
N GLY A 353 11.69 0.35 0.36
CA GLY A 353 10.27 0.63 0.43
C GLY A 353 9.90 1.64 1.50
N ASP A 354 8.66 1.55 2.00
CA ASP A 354 8.13 2.56 2.92
C ASP A 354 8.80 2.63 4.29
N ASN A 355 9.50 1.57 4.70
CA ASN A 355 10.25 1.58 5.96
C ASN A 355 11.64 2.22 5.85
N ALA A 356 12.05 2.56 4.63
CA ALA A 356 13.31 3.22 4.34
C ALA A 356 13.08 4.67 3.89
N PHE A 357 13.84 5.60 4.47
CA PHE A 357 13.86 6.98 4.01
C PHE A 357 15.11 7.24 3.15
N ALA A 358 14.88 7.46 1.86
CA ALA A 358 15.94 7.74 0.88
C ALA A 358 15.67 9.06 0.14
N GLY A 359 14.80 9.91 0.70
CA GLY A 359 14.36 11.14 0.06
C GLY A 359 13.39 10.96 -1.09
N LEU A 360 12.76 9.79 -1.18
CA LEU A 360 11.88 9.42 -2.29
C LEU A 360 10.47 9.18 -1.77
N PRO A 361 9.45 9.28 -2.64
CA PRO A 361 8.08 9.10 -2.14
C PRO A 361 7.77 7.64 -1.75
N PRO A 362 6.83 7.43 -0.80
CA PRO A 362 6.48 6.08 -0.36
C PRO A 362 5.53 5.43 -1.36
N THR A 363 6.10 4.90 -2.43
CA THR A 363 5.32 4.30 -3.51
C THR A 363 5.83 2.91 -3.85
N ALA A 364 4.96 2.13 -4.47
CA ALA A 364 5.30 0.79 -4.96
C ALA A 364 6.38 0.87 -6.06
N GLN A 365 6.31 1.90 -6.88
CA GLN A 365 7.30 2.16 -7.94
C GLN A 365 8.72 2.29 -7.34
N VAL A 366 8.84 3.10 -6.29
CA VAL A 366 10.11 3.26 -5.59
C VAL A 366 10.58 1.93 -4.97
N ALA A 367 9.68 1.22 -4.29
CA ALA A 367 10.01 -0.07 -3.67
C ALA A 367 10.52 -1.08 -4.68
N HIS A 368 9.85 -1.14 -5.83
CA HIS A 368 10.23 -2.08 -6.89
C HIS A 368 11.61 -1.78 -7.47
N GLN A 369 11.90 -0.51 -7.75
CA GLN A 369 13.20 -0.13 -8.30
C GLN A 369 14.32 -0.34 -7.28
N GLU A 370 14.08 0.03 -6.03
CA GLU A 370 15.04 -0.22 -4.95
C GLU A 370 15.37 -1.71 -4.84
N ALA A 371 14.34 -2.54 -4.87
CA ALA A 371 14.49 -3.99 -4.78
C ALA A 371 15.32 -4.56 -5.94
N GLU A 372 15.02 -4.13 -7.17
CA GLU A 372 15.74 -4.63 -8.33
C GLU A 372 17.21 -4.20 -8.30
N TYR A 373 17.44 -2.92 -8.02
CA TYR A 373 18.80 -2.41 -7.81
C TYR A 373 19.57 -3.23 -6.76
N LEU A 374 18.95 -3.46 -5.61
CA LEU A 374 19.63 -4.15 -4.50
C LEU A 374 19.96 -5.60 -4.84
N ALA A 375 19.02 -6.32 -5.46
CA ALA A 375 19.26 -7.69 -5.90
C ALA A 375 20.44 -7.80 -6.87
N LYS A 376 20.53 -6.85 -7.82
CA LYS A 376 21.67 -6.81 -8.74
C LYS A 376 22.99 -6.50 -8.02
N ASN A 377 22.96 -5.66 -6.99
CA ASN A 377 24.14 -5.45 -6.13
C ASN A 377 24.58 -6.74 -5.44
N PHE A 378 23.61 -7.51 -4.93
CA PHE A 378 23.92 -8.81 -4.32
C PHE A 378 24.56 -9.81 -5.30
N ASP A 379 24.20 -9.74 -6.58
CA ASP A 379 24.90 -10.53 -7.62
C ASP A 379 26.38 -10.20 -7.69
N LYS A 380 26.70 -8.91 -7.71
N LYS A 380 26.70 -8.91 -7.71
CA LYS A 380 28.10 -8.45 -7.75
CA LYS A 380 28.08 -8.44 -7.76
C LYS A 380 28.84 -8.72 -6.44
C LYS A 380 28.84 -8.72 -6.45
N MET A 381 28.14 -8.59 -5.32
CA MET A 381 28.72 -8.89 -3.99
C MET A 381 29.25 -10.32 -3.85
N ALA A 382 28.55 -11.28 -4.46
CA ALA A 382 28.98 -12.68 -4.49
C ALA A 382 30.30 -12.96 -5.25
N GLN A 383 30.73 -12.00 -6.06
CA GLN A 383 32.00 -12.09 -6.80
C GLN A 383 33.20 -11.56 -6.02
N ILE A 384 32.96 -10.87 -4.91
CA ILE A 384 33.99 -10.15 -4.16
C ILE A 384 34.11 -10.79 -2.76
N PRO A 385 35.23 -11.51 -2.49
CA PRO A 385 35.43 -12.26 -1.23
C PRO A 385 35.16 -11.53 0.09
N ASN A 386 35.44 -10.22 0.14
CA ASN A 386 35.18 -9.42 1.35
C ASN A 386 33.71 -9.40 1.79
N PHE A 387 32.78 -9.41 0.83
CA PHE A 387 31.34 -9.51 1.15
C PHE A 387 30.90 -10.92 1.61
N GLN A 388 31.66 -11.95 1.26
CA GLN A 388 31.28 -13.35 1.51
C GLN A 388 32.00 -13.97 2.72
N LYS A 389 32.39 -13.13 3.69
CA LYS A 389 32.96 -13.60 4.96
C LYS A 389 32.68 -12.61 6.08
N LYS A 397 33.25 3.08 8.28
CA LYS A 397 32.79 3.47 6.96
C LYS A 397 32.07 2.29 6.29
N ILE A 398 30.74 2.27 6.42
CA ILE A 398 29.95 1.09 6.05
C ILE A 398 29.87 0.81 4.55
N ASP A 399 30.00 1.86 3.73
CA ASP A 399 29.93 1.74 2.27
C ASP A 399 31.31 1.65 1.57
N LEU A 400 32.37 1.43 2.35
CA LEU A 400 33.74 1.42 1.83
C LEU A 400 33.92 0.39 0.72
N LEU A 401 33.43 -0.83 0.96
CA LEU A 401 33.54 -1.91 -0.03
C LEU A 401 32.72 -1.63 -1.29
N PHE A 402 31.55 -1.01 -1.13
CA PHE A 402 30.76 -0.57 -2.28
C PHE A 402 31.51 0.49 -3.11
N GLU A 403 32.10 1.47 -2.42
CA GLU A 403 32.86 2.54 -3.09
C GLU A 403 34.17 2.07 -3.72
N GLU A 404 34.97 1.30 -2.98
CA GLU A 404 36.22 0.72 -3.49
C GLU A 404 36.02 -0.12 -4.75
N ASN A 405 34.92 -0.86 -4.79
CA ASN A 405 34.60 -1.73 -5.92
C ASN A 405 33.75 -1.08 -7.02
N ASN A 406 33.60 0.24 -6.95
CA ASN A 406 32.97 1.03 -8.00
C ASN A 406 31.53 0.60 -8.29
N PHE A 407 30.77 0.32 -7.23
CA PHE A 407 29.34 0.07 -7.36
C PHE A 407 28.67 1.40 -7.68
N LYS A 408 27.73 1.40 -8.62
CA LYS A 408 26.94 2.60 -8.91
C LYS A 408 25.94 2.83 -7.77
N PRO A 409 25.76 4.10 -7.33
CA PRO A 409 24.70 4.38 -6.36
C PRO A 409 23.31 4.16 -6.96
N PHE A 410 22.31 3.94 -6.11
CA PHE A 410 20.92 3.81 -6.58
C PHE A 410 20.45 5.16 -7.11
N LYS A 411 19.86 5.14 -8.30
CA LYS A 411 19.26 6.35 -8.90
C LYS A 411 17.84 6.04 -9.32
N TYR A 412 16.89 6.55 -8.55
CA TYR A 412 15.46 6.40 -8.86
C TYR A 412 15.12 7.05 -10.21
N ASN A 413 14.45 6.29 -11.06
CA ASN A 413 13.93 6.80 -12.32
C ASN A 413 12.41 6.94 -12.22
N ASP A 414 11.94 8.16 -12.03
CA ASP A 414 10.50 8.46 -11.93
C ASP A 414 9.84 8.20 -13.29
N LEU A 415 9.01 7.16 -13.35
CA LEU A 415 8.29 6.75 -14.55
C LEU A 415 6.87 7.33 -14.67
N GLY A 416 6.47 8.11 -13.66
CA GLY A 416 5.21 8.83 -13.70
C GLY A 416 4.25 8.42 -12.60
N ALA A 417 2.96 8.65 -12.84
CA ALA A 417 1.93 8.44 -11.84
C ALA A 417 0.58 8.19 -12.52
N LEU A 418 -0.26 7.38 -11.85
CA LEU A 418 -1.59 7.01 -12.32
C LEU A 418 -2.58 7.15 -11.16
N ALA A 419 -3.82 7.52 -11.48
CA ALA A 419 -4.90 7.59 -10.48
C ALA A 419 -6.27 7.44 -11.14
N TYR A 420 -7.06 6.48 -10.66
CA TYR A 420 -8.45 6.33 -11.10
C TYR A 420 -9.34 7.30 -10.32
N LEU A 421 -10.33 7.87 -11.00
CA LEU A 421 -11.15 8.96 -10.43
C LEU A 421 -12.65 8.64 -10.34
N GLY A 422 -13.02 7.38 -10.57
CA GLY A 422 -14.43 7.00 -10.71
C GLY A 422 -14.96 7.34 -12.09
N SER A 423 -16.14 6.81 -12.40
CA SER A 423 -16.86 7.05 -13.65
C SER A 423 -16.01 6.95 -14.93
N GLU A 424 -15.17 5.92 -15.00
CA GLU A 424 -14.34 5.63 -16.19
C GLU A 424 -13.43 6.79 -16.59
N ARG A 425 -12.89 7.50 -15.59
CA ARG A 425 -11.90 8.53 -15.83
C ARG A 425 -10.67 8.28 -14.97
N ALA A 426 -9.51 8.51 -15.56
CA ALA A 426 -8.23 8.43 -14.87
C ALA A 426 -7.35 9.57 -15.30
N ILE A 427 -6.33 9.87 -14.50
CA ILE A 427 -5.22 10.72 -14.93
C ILE A 427 -3.94 9.90 -14.97
N ALA A 428 -3.03 10.29 -15.84
CA ALA A 428 -1.77 9.60 -16.03
C ALA A 428 -0.71 10.57 -16.50
N THR A 429 0.48 10.47 -15.91
CA THR A 429 1.67 11.08 -16.46
C THR A 429 2.68 9.96 -16.62
N ILE A 430 3.24 9.85 -17.82
CA ILE A 430 4.13 8.76 -18.18
C ILE A 430 5.45 9.38 -18.62
N ARG A 431 6.55 8.96 -17.99
CA ARG A 431 7.84 9.59 -18.21
C ARG A 431 9.00 8.61 -18.02
N SER A 432 10.19 9.09 -18.37
CA SER A 432 11.44 8.39 -18.09
C SER A 432 12.58 9.40 -18.26
N GLY A 433 13.14 9.84 -17.13
CA GLY A 433 14.27 10.76 -17.11
C GLY A 433 13.74 12.19 -17.08
N LYS A 434 14.23 13.03 -17.98
CA LYS A 434 13.67 14.37 -18.16
C LYS A 434 12.42 14.34 -19.06
N ARG A 435 12.24 13.26 -19.82
CA ARG A 435 11.23 13.19 -20.87
C ARG A 435 9.88 12.66 -20.39
N THR A 436 8.81 13.38 -20.75
CA THR A 436 7.42 12.97 -20.51
C THR A 436 6.83 12.46 -21.83
N PHE A 437 6.46 11.18 -21.87
CA PHE A 437 5.87 10.57 -23.06
C PHE A 437 4.38 10.87 -23.20
N TYR A 438 3.67 10.89 -22.08
CA TYR A 438 2.21 11.08 -22.08
C TYR A 438 1.79 11.80 -20.81
N THR A 439 0.80 12.69 -20.95
CA THR A 439 0.18 13.32 -19.81
C THR A 439 -1.26 13.65 -20.19
N GLY A 440 -2.21 13.32 -19.32
CA GLY A 440 -3.62 13.59 -19.62
C GLY A 440 -4.63 12.89 -18.72
N GLY A 441 -5.89 13.15 -19.04
CA GLY A 441 -7.03 12.60 -18.32
C GLY A 441 -8.20 12.46 -19.26
N GLY A 442 -9.13 11.60 -18.90
CA GLY A 442 -10.28 11.29 -19.74
C GLY A 442 -10.51 9.79 -19.83
N LEU A 443 -11.36 9.41 -20.77
CA LEU A 443 -11.74 8.01 -20.99
C LEU A 443 -10.59 7.16 -21.52
N MET A 444 -9.87 7.68 -22.50
N MET A 444 -9.85 7.66 -22.50
CA MET A 444 -8.69 7.02 -23.07
CA MET A 444 -8.73 6.91 -23.06
C MET A 444 -7.65 6.72 -22.00
C MET A 444 -7.59 6.72 -22.02
N THR A 445 -7.47 7.66 -21.07
CA THR A 445 -6.53 7.52 -19.96
C THR A 445 -6.96 6.42 -18.98
N PHE A 446 -8.27 6.28 -18.77
CA PHE A 446 -8.84 5.15 -18.02
C PHE A 446 -8.47 3.81 -18.66
N TYR A 447 -8.59 3.72 -19.99
CA TYR A 447 -8.19 2.48 -20.69
C TYR A 447 -6.69 2.21 -20.52
N LEU A 448 -5.88 3.28 -20.63
CA LEU A 448 -4.45 3.20 -20.39
C LEU A 448 -4.13 2.75 -18.96
N TRP A 449 -4.83 3.35 -17.99
CA TRP A 449 -4.73 2.98 -16.58
C TRP A 449 -4.93 1.47 -16.37
N ARG A 450 -5.96 0.91 -17.00
CA ARG A 450 -6.25 -0.52 -16.90
C ARG A 450 -5.14 -1.39 -17.50
N ILE A 451 -4.68 -1.03 -18.70
CA ILE A 451 -3.63 -1.77 -19.39
C ILE A 451 -2.31 -1.74 -18.60
N LEU A 452 -1.94 -0.57 -18.12
CA LEU A 452 -0.71 -0.41 -17.34
C LEU A 452 -0.73 -1.18 -16.03
N TYR A 453 -1.86 -1.12 -15.31
N TYR A 453 -1.87 -1.15 -15.32
CA TYR A 453 -2.04 -1.85 -14.07
CA TYR A 453 -1.98 -1.89 -14.06
C TYR A 453 -1.93 -3.37 -14.27
C TYR A 453 -1.95 -3.39 -14.26
N LEU A 454 -2.59 -3.88 -15.32
CA LEU A 454 -2.46 -5.30 -15.70
C LEU A 454 -1.02 -5.74 -15.96
N SER A 455 -0.25 -4.91 -16.67
CA SER A 455 1.15 -5.20 -16.97
C SER A 455 2.06 -5.19 -15.73
N MET A 456 1.65 -4.45 -14.70
CA MET A 456 2.43 -4.31 -13.47
C MET A 456 2.15 -5.36 -12.39
N ILE A 457 1.06 -6.13 -12.54
CA ILE A 457 0.76 -7.24 -11.62
C ILE A 457 1.86 -8.30 -11.74
N LEU A 458 2.31 -8.83 -10.60
CA LEU A 458 3.53 -9.65 -10.54
C LEU A 458 3.34 -11.12 -10.91
N SER A 459 2.10 -11.60 -10.95
CA SER A 459 1.83 -13.01 -11.30
C SER A 459 0.78 -13.10 -12.40
N ALA A 460 0.98 -14.07 -13.29
CA ALA A 460 0.05 -14.33 -14.39
C ALA A 460 -1.34 -14.71 -13.86
N ARG A 461 -1.41 -15.49 -12.78
CA ARG A 461 -2.68 -15.86 -12.17
C ARG A 461 -3.49 -14.61 -11.80
N SER A 462 -2.87 -13.72 -11.02
CA SER A 462 -3.54 -12.49 -10.57
C SER A 462 -3.95 -11.62 -11.75
N ARG A 463 -3.08 -11.52 -12.76
CA ARG A 463 -3.38 -10.77 -13.98
C ARG A 463 -4.64 -11.30 -14.70
N LEU A 464 -4.75 -12.63 -14.85
CA LEU A 464 -5.93 -13.23 -15.48
C LEU A 464 -7.20 -13.00 -14.66
N LYS A 465 -7.08 -13.14 -13.34
CA LYS A 465 -8.25 -12.96 -12.45
C LYS A 465 -8.78 -11.52 -12.50
N VAL A 466 -7.88 -10.53 -12.48
CA VAL A 466 -8.28 -9.12 -12.57
C VAL A 466 -8.93 -8.84 -13.94
N PHE A 467 -8.31 -9.35 -14.99
CA PHE A 467 -8.83 -9.26 -16.35
C PHE A 467 -10.27 -9.80 -16.43
N PHE A 468 -10.49 -10.99 -15.87
CA PHE A 468 -11.83 -11.57 -15.82
C PHE A 468 -12.82 -10.76 -14.97
N ASP A 469 -12.35 -10.21 -13.84
CA ASP A 469 -13.19 -9.34 -13.01
C ASP A 469 -13.69 -8.15 -13.82
N TRP A 470 -12.80 -7.53 -14.61
CA TRP A 470 -13.17 -6.37 -15.40
C TRP A 470 -14.13 -6.71 -16.56
N ILE A 471 -13.92 -7.86 -17.20
CA ILE A 471 -14.84 -8.32 -18.24
C ILE A 471 -16.24 -8.56 -17.70
N LYS A 472 -16.33 -9.29 -16.59
N LYS A 472 -16.35 -9.29 -16.58
CA LYS A 472 -17.60 -9.53 -15.91
CA LYS A 472 -17.65 -9.50 -15.91
C LYS A 472 -18.33 -8.24 -15.55
C LYS A 472 -18.34 -8.19 -15.63
N LEU A 473 -17.58 -7.23 -15.12
CA LEU A 473 -18.08 -5.91 -14.79
C LEU A 473 -18.67 -5.13 -15.98
N ALA A 474 -18.15 -5.37 -17.18
CA ALA A 474 -18.71 -4.78 -18.40
C ALA A 474 -20.14 -5.24 -18.70
N PHE A 475 -20.51 -6.44 -18.24
CA PHE A 475 -21.84 -7.02 -18.50
C PHE A 475 -22.74 -7.15 -17.27
N PHE A 476 -22.17 -7.21 -16.07
CA PHE A 476 -22.94 -7.47 -14.86
C PHE A 476 -22.56 -6.53 -13.72
N LYS A 477 -23.43 -6.43 -12.73
CA LYS A 477 -23.16 -5.63 -11.55
C LYS A 477 -22.07 -6.31 -10.73
N ARG A 478 -21.42 -5.51 -9.88
CA ARG A 478 -20.44 -6.02 -8.94
C ARG A 478 -21.12 -6.93 -7.92
N ASP A 479 -20.37 -7.88 -7.37
CA ASP A 479 -20.83 -8.65 -6.22
C ASP A 479 -20.49 -7.84 -4.98
N PHE A 480 -21.51 -7.52 -4.18
CA PHE A 480 -21.33 -6.77 -2.96
C PHE A 480 -22.02 -7.55 -1.85
N PHE A 481 -21.36 -8.64 -1.43
CA PHE A 481 -21.91 -9.57 -0.45
C PHE A 481 -21.21 -9.39 0.89
N LYS A 482 -22.00 -9.11 1.93
N LYS A 482 -21.97 -9.10 1.96
CA LYS A 482 -21.46 -8.94 3.30
CA LYS A 482 -21.36 -8.91 3.27
C LYS A 482 -20.78 -10.20 3.83
C LYS A 482 -20.79 -10.21 3.87
N GLY A 483 -21.29 -11.37 3.43
CA GLY A 483 -20.78 -12.67 3.88
C GLY A 483 -19.70 -13.36 3.03
N LEU A 484 -19.33 -12.78 1.89
CA LEU A 484 -18.32 -13.38 0.99
C LEU A 484 -17.36 -12.33 0.45
#